data_3N0I
#
_entry.id   3N0I
#
_cell.length_a   60.990
_cell.length_b   69.770
_cell.length_c   74.900
_cell.angle_alpha   90.00
_cell.angle_beta   94.92
_cell.angle_gamma   90.00
#
_symmetry.space_group_name_H-M   'P 1 21 1'
#
loop_
_entity.id
_entity.type
_entity.pdbx_description
1 polymer Fiber
2 branched 'N-acetyl-alpha-neuraminic acid-(2-3)-beta-D-galactopyranose-(1-3)-2-acetamido-2-deoxy-beta-D-galactopyranose-(1-4)-[N-acetyl-alpha-neuraminic acid-(2-3)]beta-D-galactopyranose-(1-4)-beta-D-glucopyranose'
3 non-polymer 'ZINC ION'
4 water water
#
_entity_poly.entity_id   1
_entity_poly.type   'polypeptide(L)'
_entity_poly.pdbx_seq_one_letter_code
;GAMGSWNPKYDTRTLWTTPDTSPNCTIAQDKDSKLTLVLTKCGSQILANVSLIVVAGKYHIINNKTNPKIKSFTIKLLFN
KNGVLLDNSNLGKAYWNFRSGNSNVSTAYEKAIGFMPNLVAYPKPSNSKKYARDIVYGTIYLGGKPDQPAVIKTTFNQET
GCEYSITFNFSWSKTYENVEFETTSFTFSYIAQE
;
_entity_poly.pdbx_strand_id   A,B,C
#
# COMPACT_ATOMS: atom_id res chain seq x y z
N ASP A 11 4.61 -15.02 -14.28
CA ASP A 11 4.91 -13.70 -14.95
C ASP A 11 3.85 -12.65 -14.58
N THR A 12 2.59 -12.99 -14.79
CA THR A 12 1.45 -12.17 -14.33
C THR A 12 0.63 -12.92 -13.28
N ARG A 13 1.19 -14.03 -12.81
CA ARG A 13 0.40 -15.00 -12.12
C ARG A 13 0.19 -14.61 -10.65
N THR A 14 -0.70 -15.38 -10.04
CA THR A 14 -1.00 -15.29 -8.65
C THR A 14 -0.69 -16.60 -7.95
N LEU A 15 0.08 -16.50 -6.88
CA LEU A 15 0.39 -17.58 -5.98
C LEU A 15 -0.32 -17.28 -4.68
N TRP A 16 -1.10 -18.25 -4.19
CA TRP A 16 -1.97 -17.98 -3.04
C TRP A 16 -2.34 -19.18 -2.18
N THR A 17 -3.00 -18.87 -1.07
CA THR A 17 -3.48 -19.84 -0.10
C THR A 17 -4.89 -20.40 -0.41
N THR A 18 -5.47 -19.93 -1.52
CA THR A 18 -6.92 -19.95 -1.79
C THR A 18 -7.61 -18.93 -0.86
N PRO A 19 -8.81 -18.43 -1.24
CA PRO A 19 -9.52 -17.43 -0.45
C PRO A 19 -10.58 -17.99 0.52
N ASP A 20 -10.57 -19.30 0.77
CA ASP A 20 -11.57 -19.89 1.68
C ASP A 20 -11.16 -19.62 3.11
N THR A 21 -11.93 -20.15 4.06
CA THR A 21 -11.65 -19.92 5.49
C THR A 21 -11.22 -21.22 6.17
N SER A 22 -10.88 -22.23 5.37
CA SER A 22 -10.44 -23.51 5.89
C SER A 22 -9.03 -23.42 6.47
N PRO A 23 -8.86 -23.79 7.76
CA PRO A 23 -7.53 -23.65 8.36
C PRO A 23 -6.43 -24.31 7.58
N ASN A 24 -5.33 -23.58 7.43
CA ASN A 24 -4.19 -23.97 6.63
C ASN A 24 -2.85 -23.69 7.32
N CYS A 25 -2.89 -23.37 8.61
CA CYS A 25 -1.73 -22.78 9.30
C CYS A 25 -1.67 -23.24 10.77
N THR A 26 -0.46 -23.40 11.26
CA THR A 26 -0.20 -23.91 12.60
C THR A 26 0.68 -22.93 13.36
N ILE A 27 0.07 -22.18 14.29
CA ILE A 27 0.80 -21.22 15.12
C ILE A 27 1.23 -21.87 16.44
N ALA A 28 0.24 -22.33 17.21
CA ALA A 28 0.47 -22.95 18.54
C ALA A 28 0.12 -24.41 18.51
N GLN A 29 -0.92 -24.74 17.77
CA GLN A 29 -1.34 -26.12 17.57
C GLN A 29 -1.82 -26.35 16.15
N ASP A 30 -1.87 -27.62 15.76
CA ASP A 30 -2.13 -28.00 14.39
C ASP A 30 -3.41 -27.37 13.81
N LYS A 31 -3.26 -26.71 12.66
CA LYS A 31 -4.38 -26.13 11.91
C LYS A 31 -5.26 -25.22 12.77
N ASP A 32 -4.61 -24.38 13.57
CA ASP A 32 -5.32 -23.43 14.43
C ASP A 32 -5.71 -22.11 13.77
N SER A 33 -5.34 -21.95 12.50
CA SER A 33 -5.54 -20.67 11.85
C SER A 33 -5.62 -20.78 10.32
N LYS A 34 -6.28 -19.77 9.74
CA LYS A 34 -6.27 -19.52 8.29
C LYS A 34 -5.49 -18.24 8.00
N LEU A 35 -4.32 -18.40 7.38
CA LEU A 35 -3.56 -17.30 6.83
C LEU A 35 -4.05 -17.14 5.40
N THR A 36 -4.65 -16.00 5.06
CA THR A 36 -5.02 -15.73 3.67
C THR A 36 -3.93 -14.83 3.09
N LEU A 37 -3.16 -15.38 2.16
CA LEU A 37 -2.06 -14.65 1.54
C LEU A 37 -2.16 -14.80 0.02
N VAL A 38 -2.09 -13.66 -0.67
CA VAL A 38 -2.18 -13.60 -2.13
C VAL A 38 -0.98 -12.79 -2.62
N LEU A 39 -0.15 -13.44 -3.44
CA LEU A 39 1.07 -12.82 -4.06
C LEU A 39 0.86 -12.74 -5.55
N THR A 40 0.86 -11.52 -6.08
CA THR A 40 0.65 -11.28 -7.50
C THR A 40 1.90 -10.63 -8.06
N LYS A 41 2.46 -11.24 -9.09
CA LYS A 41 3.66 -10.71 -9.70
C LYS A 41 3.34 -9.60 -10.69
N CYS A 42 3.81 -8.40 -10.38
CA CYS A 42 3.79 -7.30 -11.30
C CYS A 42 5.24 -6.98 -11.64
N GLY A 43 5.80 -7.78 -12.53
CA GLY A 43 7.19 -7.63 -12.94
C GLY A 43 8.15 -7.70 -11.77
N SER A 44 8.96 -6.67 -11.59
CA SER A 44 9.99 -6.65 -10.56
C SER A 44 9.48 -6.50 -9.12
N GLN A 45 8.16 -6.36 -8.92
CA GLN A 45 7.59 -6.31 -7.56
C GLN A 45 6.47 -7.31 -7.44
N ILE A 46 6.33 -7.84 -6.24
CA ILE A 46 5.23 -8.71 -5.86
C ILE A 46 4.27 -7.88 -5.04
N LEU A 47 3.01 -7.89 -5.42
CA LEU A 47 1.95 -7.19 -4.73
C LEU A 47 1.34 -8.21 -3.80
N ALA A 48 1.42 -7.95 -2.48
CA ALA A 48 0.99 -8.91 -1.47
C ALA A 48 -0.24 -8.41 -0.71
N ASN A 49 -1.17 -9.32 -0.44
CA ASN A 49 -2.36 -9.03 0.36
C ASN A 49 -2.51 -10.14 1.43
N VAL A 50 -2.65 -9.74 2.68
CA VAL A 50 -2.64 -10.67 3.81
C VAL A 50 -3.71 -10.35 4.85
N SER A 51 -4.32 -11.41 5.40
CA SER A 51 -5.13 -11.38 6.61
C SER A 51 -4.97 -12.66 7.37
N LEU A 52 -5.46 -12.67 8.62
CA LEU A 52 -5.35 -13.83 9.49
C LEU A 52 -6.62 -14.07 10.32
N ILE A 53 -7.02 -15.34 10.36
CA ILE A 53 -8.10 -15.81 11.25
C ILE A 53 -7.51 -16.91 12.13
N VAL A 54 -7.48 -16.68 13.46
CA VAL A 54 -7.11 -17.75 14.40
C VAL A 54 -8.44 -18.35 14.89
N VAL A 55 -8.57 -19.68 14.80
CA VAL A 55 -9.83 -20.39 15.14
C VAL A 55 -9.76 -21.25 16.41
N ALA A 56 -8.56 -21.48 16.94
CA ALA A 56 -8.39 -22.35 18.06
C ALA A 56 -7.05 -22.14 18.71
N GLY A 57 -6.91 -22.68 19.90
CA GLY A 57 -5.65 -22.66 20.61
C GLY A 57 -5.34 -21.36 21.32
N LYS A 58 -4.10 -21.28 21.76
CA LYS A 58 -3.56 -20.19 22.57
C LYS A 58 -3.86 -18.78 22.08
N TYR A 59 -3.87 -18.56 20.76
CA TYR A 59 -4.04 -17.22 20.21
C TYR A 59 -5.44 -16.91 19.67
N HIS A 60 -6.40 -17.79 19.89
CA HIS A 60 -7.76 -17.59 19.38
C HIS A 60 -8.45 -16.46 20.10
N ILE A 61 -8.51 -16.53 21.45
CA ILE A 61 -9.16 -15.50 22.25
C ILE A 61 -8.14 -14.91 23.22
N ILE A 62 -7.83 -13.63 23.03
CA ILE A 62 -6.78 -12.95 23.80
C ILE A 62 -7.38 -12.35 25.07
N ASN A 63 -6.83 -12.68 26.22
CA ASN A 63 -7.21 -12.01 27.47
C ASN A 63 -5.94 -11.59 28.21
N ASN A 64 -5.61 -10.31 28.09
CA ASN A 64 -4.38 -9.73 28.68
C ASN A 64 -4.59 -9.25 30.12
N LYS A 65 -5.80 -9.42 30.65
CA LYS A 65 -6.00 -9.20 32.06
C LYS A 65 -5.57 -10.46 32.82
N THR A 66 -6.01 -11.62 32.34
CA THR A 66 -5.59 -12.90 32.92
C THR A 66 -4.20 -13.38 32.43
N ASN A 67 -3.81 -13.05 31.21
CA ASN A 67 -2.53 -13.45 30.61
C ASN A 67 -1.83 -12.26 29.98
N PRO A 68 -1.30 -11.37 30.82
CA PRO A 68 -0.74 -10.12 30.28
C PRO A 68 0.52 -10.24 29.44
N LYS A 69 1.20 -11.40 29.48
CA LYS A 69 2.41 -11.58 28.69
C LYS A 69 2.18 -12.14 27.26
N ILE A 70 0.95 -12.56 26.96
CA ILE A 70 0.61 -13.06 25.62
C ILE A 70 0.39 -11.85 24.73
N LYS A 71 1.45 -11.46 24.02
CA LYS A 71 1.47 -10.19 23.30
C LYS A 71 1.93 -10.26 21.84
N SER A 72 2.36 -11.43 21.38
CA SER A 72 2.89 -11.56 20.02
C SER A 72 3.03 -13.02 19.59
N PHE A 73 3.08 -13.24 18.29
CA PHE A 73 3.38 -14.57 17.71
C PHE A 73 3.81 -14.44 16.26
N THR A 74 4.40 -15.50 15.72
CA THR A 74 5.07 -15.45 14.43
C THR A 74 4.63 -16.59 13.52
N ILE A 75 4.40 -16.26 12.26
CA ILE A 75 4.04 -17.20 11.22
C ILE A 75 5.10 -17.11 10.14
N LYS A 76 5.73 -18.25 9.82
CA LYS A 76 6.86 -18.28 8.88
C LYS A 76 6.58 -19.11 7.62
N LEU A 77 6.99 -18.55 6.49
CA LEU A 77 6.98 -19.22 5.20
C LEU A 77 8.45 -19.32 4.78
N LEU A 78 8.92 -20.56 4.70
CA LEU A 78 10.29 -20.90 4.33
C LEU A 78 10.28 -21.51 2.91
N PHE A 79 11.23 -21.07 2.07
CA PHE A 79 11.33 -21.55 0.68
C PHE A 79 12.73 -22.03 0.32
N ASN A 80 12.79 -23.06 -0.54
CA ASN A 80 14.06 -23.55 -1.06
C ASN A 80 14.54 -22.75 -2.28
N LYS A 81 15.63 -23.19 -2.89
CA LYS A 81 16.22 -22.49 -4.05
C LYS A 81 15.25 -22.27 -5.21
N ASN A 82 14.25 -23.14 -5.33
CA ASN A 82 13.26 -23.04 -6.41
C ASN A 82 11.97 -22.29 -6.01
N GLY A 83 11.98 -21.71 -4.81
CA GLY A 83 10.81 -20.97 -4.30
C GLY A 83 9.66 -21.88 -3.85
N VAL A 84 9.96 -23.16 -3.62
CA VAL A 84 8.98 -24.12 -3.14
C VAL A 84 8.88 -24.03 -1.63
N LEU A 85 7.65 -24.01 -1.11
CA LEU A 85 7.40 -23.93 0.33
C LEU A 85 7.90 -25.18 1.05
N LEU A 86 8.65 -24.96 2.13
CA LEU A 86 9.16 -26.08 2.93
C LEU A 86 8.14 -26.55 3.97
N ASP A 87 8.17 -27.87 4.22
CA ASP A 87 7.21 -28.55 5.10
C ASP A 87 7.20 -28.04 6.53
N ASN A 88 8.35 -27.57 7.03
CA ASN A 88 8.45 -26.99 8.38
C ASN A 88 8.00 -25.52 8.50
N SER A 89 7.38 -24.98 7.47
CA SER A 89 6.79 -23.63 7.56
C SER A 89 5.52 -23.73 8.44
N ASN A 90 5.06 -22.61 8.99
CA ASN A 90 3.79 -22.61 9.73
C ASN A 90 2.59 -22.85 8.80
N LEU A 91 2.69 -22.35 7.58
CA LEU A 91 1.71 -22.54 6.52
C LEU A 91 1.88 -23.91 5.94
N GLY A 92 0.75 -24.59 5.75
CA GLY A 92 0.74 -25.93 5.17
C GLY A 92 0.95 -25.87 3.66
N LYS A 93 1.62 -26.89 3.12
CA LYS A 93 1.90 -26.98 1.68
C LYS A 93 0.70 -27.32 0.79
N ALA A 94 -0.30 -28.00 1.36
CA ALA A 94 -1.40 -28.57 0.58
C ALA A 94 -2.16 -27.59 -0.34
N TYR A 95 -2.42 -26.37 0.13
CA TYR A 95 -3.20 -25.40 -0.66
C TYR A 95 -2.47 -24.06 -0.90
N TRP A 96 -1.14 -24.10 -0.85
CA TRP A 96 -0.27 -23.02 -1.32
C TRP A 96 0.20 -23.38 -2.73
N ASN A 97 -0.36 -22.70 -3.73
CA ASN A 97 -0.06 -23.00 -5.14
C ASN A 97 -0.59 -21.87 -6.03
N PHE A 98 -0.30 -21.95 -7.32
CA PHE A 98 -0.83 -21.00 -8.27
C PHE A 98 -2.34 -21.11 -8.42
N ARG A 99 -2.97 -19.96 -8.60
CA ARG A 99 -4.42 -19.84 -8.71
C ARG A 99 -5.00 -20.50 -9.96
N SER A 100 -6.19 -21.07 -9.79
CA SER A 100 -7.05 -21.51 -10.87
C SER A 100 -8.49 -21.31 -10.36
N GLY A 101 -9.18 -20.30 -10.87
CA GLY A 101 -10.49 -19.92 -10.31
C GLY A 101 -10.35 -19.54 -8.83
N ASN A 102 -11.24 -20.06 -7.98
CA ASN A 102 -11.12 -19.86 -6.53
C ASN A 102 -10.39 -21.00 -5.83
N SER A 103 -9.65 -21.80 -6.60
CA SER A 103 -8.85 -22.88 -6.06
C SER A 103 -7.41 -22.80 -6.61
N ASN A 104 -6.76 -23.96 -6.77
CA ASN A 104 -5.37 -24.05 -7.21
C ASN A 104 -5.20 -24.96 -8.42
N VAL A 105 -4.07 -24.79 -9.10
CA VAL A 105 -3.67 -25.70 -10.18
C VAL A 105 -3.46 -27.10 -9.58
N SER A 106 -3.79 -28.14 -10.37
CA SER A 106 -3.80 -29.52 -9.85
C SER A 106 -2.41 -30.13 -9.63
N THR A 107 -1.39 -29.51 -10.21
CA THR A 107 0.00 -29.89 -10.03
C THR A 107 0.68 -28.93 -9.05
N ALA A 108 1.27 -29.46 -7.97
CA ALA A 108 2.11 -28.65 -7.07
C ALA A 108 3.23 -28.00 -7.88
N TYR A 109 3.48 -26.71 -7.64
CA TYR A 109 4.43 -26.01 -8.49
C TYR A 109 5.87 -26.47 -8.21
N GLU A 110 6.71 -26.39 -9.24
CA GLU A 110 8.11 -26.75 -9.14
C GLU A 110 9.04 -25.54 -9.01
N LYS A 111 8.62 -24.41 -9.59
CA LYS A 111 9.46 -23.21 -9.66
C LYS A 111 8.60 -21.96 -9.40
N ALA A 112 9.08 -21.10 -8.49
CA ALA A 112 8.45 -19.80 -8.27
C ALA A 112 9.49 -18.76 -7.84
N ILE A 113 10.68 -18.80 -8.46
CA ILE A 113 11.79 -17.91 -8.06
C ILE A 113 11.41 -16.44 -8.31
N GLY A 114 10.56 -16.21 -9.30
CA GLY A 114 10.03 -14.86 -9.59
C GLY A 114 9.12 -14.27 -8.53
N PHE A 115 8.65 -15.10 -7.59
CA PHE A 115 7.81 -14.62 -6.47
C PHE A 115 8.61 -14.48 -5.19
N MET A 116 9.92 -14.75 -5.24
CA MET A 116 10.75 -14.76 -4.03
CA MET A 116 10.74 -14.76 -4.03
C MET A 116 11.33 -13.38 -3.73
N PRO A 117 11.57 -13.08 -2.43
CA PRO A 117 12.13 -11.75 -2.12
C PRO A 117 13.59 -11.64 -2.55
N ASN A 118 13.88 -10.56 -3.24
CA ASN A 118 15.20 -10.30 -3.83
C ASN A 118 16.33 -10.36 -2.78
N LEU A 119 17.33 -11.21 -3.04
CA LEU A 119 18.42 -11.45 -2.09
C LEU A 119 19.43 -10.30 -1.95
N VAL A 120 19.61 -9.47 -2.98
CA VAL A 120 20.46 -8.29 -2.83
C VAL A 120 19.73 -7.22 -1.99
N ALA A 121 18.43 -7.03 -2.26
CA ALA A 121 17.60 -6.10 -1.46
C ALA A 121 17.50 -6.57 -0.02
N TYR A 122 17.35 -7.88 0.14
CA TYR A 122 17.02 -8.49 1.41
C TYR A 122 17.91 -9.72 1.64
N PRO A 123 19.16 -9.49 2.07
CA PRO A 123 20.11 -10.61 2.19
C PRO A 123 19.78 -11.55 3.32
N LYS A 124 20.23 -12.82 3.18
CA LYS A 124 20.11 -13.77 4.28
C LYS A 124 20.93 -13.29 5.47
N PRO A 125 20.60 -13.73 6.68
CA PRO A 125 21.43 -13.39 7.83
C PRO A 125 22.90 -13.72 7.58
N SER A 126 23.77 -12.80 7.97
CA SER A 126 25.22 -12.95 7.79
C SER A 126 25.82 -12.03 8.85
N ASN A 127 27.13 -11.86 8.89
CA ASN A 127 27.67 -10.89 9.86
C ASN A 127 27.81 -9.47 9.23
N SER A 128 27.39 -9.31 7.96
CA SER A 128 27.22 -7.97 7.38
C SER A 128 26.10 -7.25 8.08
N LYS A 129 26.13 -5.93 7.98
CA LYS A 129 25.15 -5.12 8.68
C LYS A 129 23.73 -5.47 8.23
N LYS A 130 22.84 -5.59 9.21
CA LYS A 130 21.48 -5.93 8.91
C LYS A 130 20.76 -4.59 8.76
N TYR A 131 20.29 -4.31 7.56
CA TYR A 131 19.54 -3.08 7.31
C TYR A 131 18.06 -3.32 7.48
N ALA A 132 17.34 -2.24 7.79
CA ALA A 132 15.92 -2.35 8.09
C ALA A 132 15.06 -2.45 6.83
N ARG A 133 15.65 -2.27 5.66
CA ARG A 133 14.80 -2.28 4.47
C ARG A 133 14.13 -3.61 4.16
N ASP A 134 14.63 -4.72 4.77
CA ASP A 134 13.95 -6.00 4.68
C ASP A 134 12.73 -6.19 5.59
N ILE A 135 12.27 -5.09 6.22
CA ILE A 135 11.07 -5.09 7.03
C ILE A 135 10.01 -4.15 6.43
N VAL A 136 8.73 -4.56 6.51
CA VAL A 136 7.59 -3.69 6.26
C VAL A 136 6.64 -3.78 7.48
N TYR A 137 6.29 -2.64 8.05
CA TYR A 137 5.32 -2.59 9.13
C TYR A 137 3.94 -2.18 8.59
N GLY A 138 2.88 -2.78 9.15
CA GLY A 138 1.50 -2.40 8.88
C GLY A 138 0.68 -2.58 10.14
N THR A 139 -0.52 -2.02 10.14
CA THR A 139 -1.47 -2.19 11.27
C THR A 139 -2.74 -2.78 10.72
N ILE A 140 -3.24 -3.82 11.38
CA ILE A 140 -4.54 -4.42 11.06
C ILE A 140 -5.41 -4.33 12.32
N TYR A 141 -6.71 -4.66 12.18
CA TYR A 141 -7.66 -4.42 13.25
C TYR A 141 -8.43 -5.69 13.56
N LEU A 142 -8.49 -6.04 14.84
CA LEU A 142 -9.13 -7.28 15.26
C LEU A 142 -10.65 -7.10 15.25
N GLY A 143 -11.33 -8.06 14.67
CA GLY A 143 -12.78 -8.04 14.53
C GLY A 143 -13.29 -6.86 13.71
N GLY A 144 -12.43 -6.26 12.89
CA GLY A 144 -12.80 -5.06 12.16
C GLY A 144 -13.08 -3.81 13.00
N LYS A 145 -12.78 -3.86 14.31
CA LYS A 145 -13.07 -2.74 15.20
C LYS A 145 -11.89 -1.76 15.20
N PRO A 146 -12.18 -0.45 15.02
CA PRO A 146 -11.11 0.56 14.84
C PRO A 146 -10.27 0.78 16.09
N ASP A 147 -10.82 0.44 17.25
CA ASP A 147 -10.10 0.56 18.50
C ASP A 147 -9.34 -0.73 18.90
N GLN A 148 -9.17 -1.65 17.97
CA GLN A 148 -8.44 -2.89 18.24
C GLN A 148 -7.28 -3.13 17.26
N PRO A 149 -6.32 -2.22 17.25
CA PRO A 149 -5.16 -2.40 16.40
C PRO A 149 -4.21 -3.52 16.86
N ALA A 150 -3.59 -4.16 15.89
CA ALA A 150 -2.44 -5.02 16.08
C ALA A 150 -1.44 -4.74 14.96
N VAL A 151 -0.15 -4.87 15.27
CA VAL A 151 0.90 -4.62 14.29
C VAL A 151 1.30 -5.89 13.57
N ILE A 152 1.33 -5.84 12.23
CA ILE A 152 1.86 -6.93 11.41
C ILE A 152 3.23 -6.47 10.89
N LYS A 153 4.27 -7.17 11.36
CA LYS A 153 5.61 -6.88 10.92
C LYS A 153 6.01 -7.99 9.97
N THR A 154 6.31 -7.62 8.72
CA THR A 154 6.71 -8.59 7.71
C THR A 154 8.22 -8.44 7.44
N THR A 155 8.98 -9.55 7.52
CA THR A 155 10.44 -9.53 7.29
C THR A 155 10.82 -10.53 6.17
N PHE A 156 11.67 -10.10 5.26
CA PHE A 156 12.11 -10.92 4.13
C PHE A 156 13.49 -11.53 4.33
N ASN A 157 13.58 -12.82 4.05
CA ASN A 157 14.84 -13.55 3.98
C ASN A 157 15.69 -13.46 5.25
N GLN A 158 15.05 -13.54 6.42
CA GLN A 158 15.81 -13.50 7.69
C GLN A 158 15.80 -14.86 8.43
N GLU A 159 15.17 -15.88 7.84
CA GLU A 159 15.18 -17.21 8.43
C GLU A 159 16.33 -18.03 7.88
N THR A 160 16.87 -18.89 8.71
CA THR A 160 17.89 -19.87 8.27
C THR A 160 17.22 -21.16 7.81
N GLY A 161 18.02 -22.06 7.27
CA GLY A 161 17.50 -23.36 6.83
C GLY A 161 16.56 -23.27 5.64
N CYS A 162 16.80 -22.26 4.80
CA CYS A 162 15.99 -21.99 3.62
C CYS A 162 16.80 -21.10 2.69
N GLU A 163 16.38 -20.97 1.44
CA GLU A 163 17.02 -20.01 0.55
C GLU A 163 16.30 -18.65 0.59
N TYR A 164 15.01 -18.65 0.92
CA TYR A 164 14.23 -17.42 1.05
C TYR A 164 13.17 -17.60 2.12
N SER A 165 12.66 -16.50 2.65
CA SER A 165 11.64 -16.59 3.68
C SER A 165 10.78 -15.33 3.70
N ILE A 166 9.52 -15.50 4.08
CA ILE A 166 8.64 -14.39 4.43
C ILE A 166 8.08 -14.72 5.82
N THR A 167 8.32 -13.83 6.79
CA THR A 167 7.77 -14.04 8.14
CA THR A 167 7.89 -13.99 8.17
C THR A 167 6.89 -12.90 8.57
N PHE A 168 5.77 -13.29 9.18
CA PHE A 168 4.77 -12.39 9.71
C PHE A 168 4.75 -12.44 11.22
N ASN A 169 5.14 -11.35 11.88
CA ASN A 169 5.05 -11.23 13.32
C ASN A 169 3.87 -10.33 13.66
N PHE A 170 2.96 -10.87 14.47
CA PHE A 170 1.76 -10.18 14.93
C PHE A 170 1.96 -9.83 16.39
N SER A 171 1.76 -8.55 16.73
CA SER A 171 1.92 -8.08 18.09
C SER A 171 0.94 -6.96 18.42
N TRP A 172 0.73 -6.75 19.71
CA TRP A 172 -0.17 -5.70 20.17
C TRP A 172 0.24 -5.15 21.52
N SER A 173 -0.09 -3.90 21.75
CA SER A 173 0.27 -3.24 22.99
C SER A 173 -0.93 -2.94 23.85
N LYS A 174 -2.15 -2.97 23.29
CA LYS A 174 -3.32 -2.80 24.10
C LYS A 174 -3.58 -4.03 24.96
N THR A 175 -4.28 -3.82 26.07
CA THR A 175 -4.66 -4.87 26.99
C THR A 175 -6.04 -5.38 26.57
N TYR A 176 -6.08 -6.36 25.68
CA TYR A 176 -7.35 -6.88 25.16
C TYR A 176 -7.96 -7.87 26.13
N GLU A 177 -9.28 -7.85 26.25
CA GLU A 177 -10.03 -8.75 27.12
C GLU A 177 -11.04 -9.60 26.33
N ASN A 178 -10.71 -10.86 26.15
CA ASN A 178 -11.53 -11.82 25.43
C ASN A 178 -11.85 -11.38 23.99
N VAL A 179 -10.79 -11.00 23.30
CA VAL A 179 -10.86 -10.51 21.91
C VAL A 179 -10.40 -11.63 20.96
N GLU A 180 -11.26 -11.99 20.01
CA GLU A 180 -10.97 -13.02 19.01
C GLU A 180 -9.97 -12.51 17.98
N PHE A 181 -8.92 -13.28 17.72
CA PHE A 181 -7.84 -12.82 16.84
C PHE A 181 -8.15 -13.20 15.38
N GLU A 182 -8.92 -12.35 14.75
CA GLU A 182 -9.20 -12.44 13.30
C GLU A 182 -9.19 -11.00 12.77
N THR A 183 -8.53 -10.79 11.63
CA THR A 183 -8.05 -9.47 11.25
C THR A 183 -8.64 -8.90 9.95
N THR A 184 -8.53 -7.59 9.84
CA THR A 184 -8.72 -6.91 8.57
C THR A 184 -7.52 -7.22 7.66
N SER A 185 -7.56 -6.73 6.42
CA SER A 185 -6.53 -7.04 5.42
C SER A 185 -5.52 -5.92 5.24
N PHE A 186 -4.30 -6.32 4.91
CA PHE A 186 -3.21 -5.37 4.67
C PHE A 186 -2.52 -5.70 3.33
N THR A 187 -2.17 -4.62 2.61
CA THR A 187 -1.49 -4.70 1.33
C THR A 187 -0.08 -4.11 1.43
N PHE A 188 0.87 -4.83 0.86
CA PHE A 188 2.26 -4.36 0.77
C PHE A 188 2.90 -4.86 -0.52
N SER A 189 4.14 -4.50 -0.77
CA SER A 189 4.86 -5.08 -1.91
C SER A 189 6.30 -5.37 -1.50
N TYR A 190 6.98 -6.17 -2.30
CA TYR A 190 8.41 -6.34 -2.13
C TYR A 190 9.12 -6.54 -3.45
N ILE A 191 10.43 -6.31 -3.45
CA ILE A 191 11.24 -6.46 -4.67
C ILE A 191 11.47 -7.95 -4.99
N ALA A 192 11.19 -8.35 -6.24
CA ALA A 192 11.30 -9.76 -6.63
C ALA A 192 12.73 -10.14 -7.00
N GLN A 193 13.06 -11.40 -6.74
CA GLN A 193 14.38 -11.95 -7.06
C GLN A 193 14.68 -11.96 -8.58
N GLU A 194 13.70 -12.38 -9.39
CA GLU A 194 13.78 -12.35 -10.86
C GLU A 194 12.51 -11.76 -11.42
N TYR B 10 -8.03 2.50 -25.91
CA TYR B 10 -9.00 1.90 -24.95
C TYR B 10 -8.27 1.01 -23.92
N ASP B 11 -8.13 1.51 -22.68
CA ASP B 11 -7.45 0.76 -21.61
C ASP B 11 -8.43 -0.14 -20.84
N THR B 12 -8.40 -1.44 -21.14
CA THR B 12 -9.29 -2.43 -20.52
C THR B 12 -8.80 -2.93 -19.15
N ARG B 13 -7.61 -2.53 -18.73
CA ARG B 13 -7.05 -2.91 -17.43
C ARG B 13 -7.33 -1.85 -16.34
N THR B 14 -7.98 -0.74 -16.69
CA THR B 14 -8.27 0.32 -15.70
C THR B 14 -9.71 0.83 -15.76
N LEU B 15 -10.42 0.70 -14.63
CA LEU B 15 -11.71 1.35 -14.42
C LEU B 15 -11.45 2.55 -13.53
N TRP B 16 -11.96 3.70 -13.92
CA TRP B 16 -11.72 4.89 -13.10
C TRP B 16 -12.77 5.98 -13.25
N THR B 17 -12.63 6.99 -12.40
CA THR B 17 -13.50 8.16 -12.38
C THR B 17 -13.01 9.33 -13.28
N THR B 18 -11.89 9.08 -13.97
CA THR B 18 -11.02 10.11 -14.60
C THR B 18 -10.31 10.88 -13.48
N PRO B 19 -9.16 11.48 -13.78
CA PRO B 19 -8.41 12.19 -12.76
C PRO B 19 -8.71 13.71 -12.65
N ASP B 20 -9.78 14.18 -13.29
CA ASP B 20 -10.15 15.60 -13.18
C ASP B 20 -10.76 15.90 -11.80
N THR B 21 -11.12 17.16 -11.56
CA THR B 21 -11.73 17.56 -10.29
C THR B 21 -13.24 17.89 -10.44
N SER B 22 -13.86 17.43 -11.52
CA SER B 22 -15.29 17.64 -11.75
CA SER B 22 -15.29 17.64 -11.76
C SER B 22 -16.13 16.79 -10.80
N PRO B 23 -17.01 17.42 -10.00
CA PRO B 23 -17.80 16.60 -9.06
C PRO B 23 -18.58 15.47 -9.71
N ASN B 24 -18.49 14.29 -9.11
CA ASN B 24 -19.07 13.06 -9.62
C ASN B 24 -19.79 12.24 -8.57
N CYS B 25 -19.96 12.80 -7.36
CA CYS B 25 -20.39 12.01 -6.22
C CYS B 25 -21.33 12.80 -5.35
N THR B 26 -22.32 12.12 -4.76
CA THR B 26 -23.32 12.74 -3.91
C THR B 26 -23.25 12.14 -2.51
N ILE B 27 -22.74 12.92 -1.55
CA ILE B 27 -22.66 12.46 -0.15
C ILE B 27 -23.92 12.92 0.59
N ALA B 28 -24.10 14.23 0.71
CA ALA B 28 -25.27 14.83 1.39
C ALA B 28 -26.20 15.53 0.42
N GLN B 29 -25.64 16.07 -0.67
CA GLN B 29 -26.44 16.72 -1.72
C GLN B 29 -25.81 16.49 -3.10
N ASP B 30 -26.64 16.65 -4.13
CA ASP B 30 -26.23 16.36 -5.51
C ASP B 30 -24.86 16.90 -5.90
N LYS B 31 -23.96 16.01 -6.33
CA LYS B 31 -22.65 16.37 -6.84
C LYS B 31 -21.88 17.32 -5.91
N ASP B 32 -21.92 17.00 -4.61
CA ASP B 32 -21.16 17.77 -3.62
C ASP B 32 -19.68 17.37 -3.51
N SER B 33 -19.23 16.39 -4.29
CA SER B 33 -17.86 15.89 -4.13
C SER B 33 -17.28 15.23 -5.39
N LYS B 34 -15.95 15.17 -5.42
CA LYS B 34 -15.21 14.39 -6.41
C LYS B 34 -14.52 13.24 -5.70
N LEU B 35 -15.00 12.03 -5.97
CA LEU B 35 -14.29 10.81 -5.58
C LEU B 35 -13.34 10.50 -6.72
N THR B 36 -12.02 10.52 -6.47
CA THR B 36 -11.08 10.07 -7.50
C THR B 36 -10.72 8.65 -7.13
N LEU B 37 -11.14 7.70 -7.97
CA LEU B 37 -10.90 6.28 -7.72
C LEU B 37 -10.38 5.62 -8.96
N VAL B 38 -9.27 4.92 -8.84
CA VAL B 38 -8.64 4.22 -9.93
C VAL B 38 -8.44 2.76 -9.52
N LEU B 39 -9.03 1.85 -10.30
CA LEU B 39 -8.90 0.41 -10.10
C LEU B 39 -8.11 -0.14 -11.27
N THR B 40 -6.92 -0.67 -11.00
CA THR B 40 -6.05 -1.19 -12.03
C THR B 40 -5.93 -2.67 -11.80
N LYS B 41 -6.28 -3.48 -12.80
CA LYS B 41 -6.26 -4.91 -12.64
C LYS B 41 -4.86 -5.44 -12.85
N CYS B 42 -4.29 -6.02 -11.80
CA CYS B 42 -3.06 -6.79 -11.86
C CYS B 42 -3.45 -8.24 -11.62
N GLY B 43 -4.09 -8.83 -12.62
CA GLY B 43 -4.54 -10.20 -12.52
C GLY B 43 -5.53 -10.43 -11.38
N SER B 44 -5.18 -11.31 -10.46
CA SER B 44 -6.06 -11.68 -9.35
C SER B 44 -6.22 -10.63 -8.29
N GLN B 45 -5.43 -9.58 -8.35
CA GLN B 45 -5.61 -8.46 -7.43
C GLN B 45 -5.92 -7.18 -8.16
N ILE B 46 -6.78 -6.38 -7.55
CA ILE B 46 -7.05 -5.02 -8.01
C ILE B 46 -6.23 -4.07 -7.15
N LEU B 47 -5.39 -3.27 -7.80
CA LEU B 47 -4.62 -2.21 -7.15
C LEU B 47 -5.48 -0.93 -7.21
N ALA B 48 -5.81 -0.38 -6.05
CA ALA B 48 -6.80 0.70 -5.91
C ALA B 48 -6.15 1.94 -5.35
N ASN B 49 -6.48 3.09 -5.93
CA ASN B 49 -5.96 4.37 -5.46
C ASN B 49 -7.16 5.31 -5.30
N VAL B 50 -7.28 5.95 -4.12
CA VAL B 50 -8.47 6.75 -3.82
C VAL B 50 -8.10 8.04 -3.10
N SER B 51 -8.85 9.09 -3.42
CA SER B 51 -8.87 10.35 -2.68
C SER B 51 -10.26 10.95 -2.82
N LEU B 52 -10.54 11.96 -2.00
CA LEU B 52 -11.85 12.65 -1.98
C LEU B 52 -11.68 14.14 -1.79
N ILE B 53 -12.43 14.89 -2.59
CA ILE B 53 -12.56 16.34 -2.47
C ILE B 53 -14.04 16.65 -2.27
N VAL B 54 -14.40 17.20 -1.12
CA VAL B 54 -15.78 17.67 -0.93
C VAL B 54 -15.75 19.14 -1.33
N VAL B 55 -16.71 19.56 -2.16
CA VAL B 55 -16.79 20.96 -2.67
C VAL B 55 -17.94 21.77 -2.13
N ALA B 56 -18.97 21.11 -1.60
CA ALA B 56 -20.17 21.81 -1.07
C ALA B 56 -20.95 20.96 -0.10
N GLY B 57 -21.95 21.57 0.52
CA GLY B 57 -22.84 20.89 1.45
C GLY B 57 -22.26 20.64 2.83
N LYS B 58 -22.99 19.81 3.56
CA LYS B 58 -22.77 19.47 4.95
C LYS B 58 -21.33 19.05 5.29
N TYR B 59 -20.66 18.34 4.37
CA TYR B 59 -19.34 17.79 4.66
C TYR B 59 -18.18 18.56 4.02
N HIS B 60 -18.48 19.74 3.47
CA HIS B 60 -17.44 20.57 2.85
C HIS B 60 -16.53 21.21 3.90
N ILE B 61 -17.11 21.96 4.83
CA ILE B 61 -16.35 22.60 5.90
C ILE B 61 -16.76 21.99 7.23
N ILE B 62 -15.85 21.26 7.86
CA ILE B 62 -16.12 20.62 9.15
C ILE B 62 -15.87 21.61 10.28
N ASN B 63 -16.85 21.77 11.15
CA ASN B 63 -16.65 22.52 12.38
C ASN B 63 -17.41 21.77 13.48
N ASN B 64 -16.65 21.02 14.27
CA ASN B 64 -17.21 20.21 15.34
C ASN B 64 -17.41 20.95 16.64
N LYS B 65 -16.98 22.21 16.73
CA LYS B 65 -17.42 23.07 17.83
C LYS B 65 -18.88 23.45 17.60
N THR B 66 -19.22 23.80 16.37
CA THR B 66 -20.59 24.16 16.00
C THR B 66 -21.47 22.92 15.87
N ASN B 67 -20.91 21.86 15.27
CA ASN B 67 -21.64 20.63 14.99
C ASN B 67 -20.85 19.43 15.55
N PRO B 68 -20.92 19.21 16.88
CA PRO B 68 -20.15 18.14 17.53
C PRO B 68 -20.46 16.71 17.06
N LYS B 69 -21.66 16.50 16.52
CA LYS B 69 -22.09 15.18 16.06
C LYS B 69 -21.65 14.81 14.62
N ILE B 70 -21.21 15.79 13.82
CA ILE B 70 -20.79 15.53 12.41
C ILE B 70 -19.39 14.92 12.40
N LYS B 71 -19.32 13.58 12.38
CA LYS B 71 -18.03 12.86 12.60
C LYS B 71 -17.72 11.77 11.56
N SER B 72 -18.63 11.53 10.62
CA SER B 72 -18.45 10.45 9.66
C SER B 72 -19.46 10.51 8.52
N PHE B 73 -19.11 9.88 7.41
CA PHE B 73 -20.03 9.72 6.27
C PHE B 73 -19.59 8.55 5.39
N THR B 74 -20.49 8.08 4.55
CA THR B 74 -20.25 6.91 3.74
C THR B 74 -20.51 7.17 2.27
N ILE B 75 -19.62 6.63 1.43
CA ILE B 75 -19.78 6.66 -0.01
C ILE B 75 -19.88 5.22 -0.49
N LYS B 76 -20.98 4.87 -1.16
CA LYS B 76 -21.23 3.49 -1.54
C LYS B 76 -21.17 3.28 -3.04
N LEU B 77 -20.44 2.26 -3.46
CA LEU B 77 -20.42 1.80 -4.84
C LEU B 77 -21.07 0.40 -4.90
N LEU B 78 -22.21 0.31 -5.61
CA LEU B 78 -23.00 -0.92 -5.71
C LEU B 78 -22.97 -1.43 -7.15
N PHE B 79 -22.79 -2.73 -7.32
CA PHE B 79 -22.61 -3.31 -8.63
C PHE B 79 -23.54 -4.49 -8.86
N ASN B 80 -24.02 -4.62 -10.09
CA ASN B 80 -24.86 -5.75 -10.45
C ASN B 80 -23.98 -6.95 -10.82
N LYS B 81 -24.59 -8.02 -11.30
CA LYS B 81 -23.85 -9.26 -11.61
C LYS B 81 -22.80 -9.11 -12.71
N ASN B 82 -22.97 -8.12 -13.60
CA ASN B 82 -21.98 -7.82 -14.64
C ASN B 82 -20.89 -6.81 -14.24
N GLY B 83 -20.91 -6.38 -12.98
CA GLY B 83 -19.93 -5.39 -12.49
C GLY B 83 -20.26 -3.96 -12.88
N VAL B 84 -21.50 -3.74 -13.35
CA VAL B 84 -21.98 -2.43 -13.76
C VAL B 84 -22.49 -1.67 -12.52
N LEU B 85 -22.08 -0.41 -12.40
CA LEU B 85 -22.45 0.43 -11.27
C LEU B 85 -23.95 0.70 -11.26
N LEU B 86 -24.59 0.47 -10.11
CA LEU B 86 -26.02 0.75 -9.97
C LEU B 86 -26.26 2.23 -9.67
N ASP B 87 -27.38 2.77 -10.14
CA ASP B 87 -27.67 4.22 -9.99
C ASP B 87 -28.00 4.70 -8.54
N ASN B 88 -28.22 3.77 -7.60
CA ASN B 88 -28.37 4.15 -6.18
C ASN B 88 -27.02 4.33 -5.45
N SER B 89 -25.92 4.05 -6.14
CA SER B 89 -24.58 4.34 -5.59
C SER B 89 -24.44 5.84 -5.37
N ASN B 90 -23.57 6.25 -4.45
CA ASN B 90 -23.25 7.67 -4.26
C ASN B 90 -22.45 8.24 -5.44
N LEU B 91 -21.66 7.38 -6.08
CA LEU B 91 -20.91 7.75 -7.30
C LEU B 91 -21.83 7.71 -8.51
N GLY B 92 -21.69 8.73 -9.36
CA GLY B 92 -22.48 8.80 -10.59
C GLY B 92 -21.98 7.84 -11.67
N LYS B 93 -22.91 7.31 -12.46
CA LYS B 93 -22.54 6.40 -13.54
C LYS B 93 -21.88 7.11 -14.71
N ALA B 94 -22.15 8.40 -14.89
CA ALA B 94 -21.78 9.10 -16.13
C ALA B 94 -20.28 9.11 -16.45
N TYR B 95 -19.42 9.20 -15.44
CA TYR B 95 -17.96 9.20 -15.69
C TYR B 95 -17.18 8.09 -14.93
N TRP B 96 -17.86 6.97 -14.68
CA TRP B 96 -17.23 5.74 -14.17
C TRP B 96 -17.19 4.73 -15.33
N ASN B 97 -15.99 4.45 -15.81
CA ASN B 97 -15.80 3.69 -17.05
C ASN B 97 -14.33 3.33 -17.23
N PHE B 98 -14.07 2.47 -18.22
CA PHE B 98 -12.70 2.16 -18.62
C PHE B 98 -12.00 3.39 -19.19
N ARG B 99 -10.69 3.40 -18.99
CA ARG B 99 -9.86 4.55 -19.30
C ARG B 99 -9.57 4.65 -20.80
N SER B 100 -9.57 5.89 -21.29
CA SER B 100 -8.99 6.23 -22.59
C SER B 100 -8.25 7.54 -22.39
N GLY B 101 -6.92 7.48 -22.39
CA GLY B 101 -6.09 8.67 -22.10
C GLY B 101 -6.36 9.18 -20.69
N ASN B 102 -6.71 10.46 -20.57
CA ASN B 102 -7.12 11.06 -19.29
C ASN B 102 -8.63 11.16 -19.18
N SER B 103 -9.34 10.48 -20.09
CA SER B 103 -10.77 10.48 -20.09
C SER B 103 -11.24 9.03 -20.09
N ASN B 104 -12.47 8.81 -20.54
CA ASN B 104 -13.07 7.46 -20.62
C ASN B 104 -13.37 7.03 -22.05
N VAL B 105 -13.62 5.73 -22.21
CA VAL B 105 -14.11 5.21 -23.50
C VAL B 105 -15.49 5.83 -23.77
N SER B 106 -15.87 5.94 -25.03
CA SER B 106 -17.09 6.69 -25.39
C SER B 106 -18.37 5.98 -24.91
N THR B 107 -18.42 4.66 -25.04
CA THR B 107 -19.63 3.91 -24.65
C THR B 107 -19.51 3.35 -23.22
N ALA B 108 -20.63 3.37 -22.51
CA ALA B 108 -20.74 2.79 -21.17
C ALA B 108 -20.45 1.29 -21.20
N TYR B 109 -19.53 0.84 -20.33
CA TYR B 109 -19.12 -0.58 -20.32
C TYR B 109 -20.29 -1.50 -19.92
N GLU B 110 -20.25 -2.73 -20.40
CA GLU B 110 -21.28 -3.71 -20.05
C GLU B 110 -20.78 -4.87 -19.16
N LYS B 111 -19.46 -5.10 -19.10
CA LYS B 111 -18.91 -6.18 -18.26
C LYS B 111 -17.60 -5.77 -17.58
N ALA B 112 -17.53 -6.00 -16.27
CA ALA B 112 -16.31 -5.65 -15.49
C ALA B 112 -16.13 -6.60 -14.30
N ILE B 113 -16.48 -7.87 -14.49
CA ILE B 113 -16.52 -8.82 -13.37
C ILE B 113 -15.11 -9.02 -12.78
N GLY B 114 -14.09 -8.91 -13.61
CA GLY B 114 -12.70 -9.05 -13.15
C GLY B 114 -12.21 -7.94 -12.26
N PHE B 115 -13.02 -6.88 -12.12
CA PHE B 115 -12.71 -5.80 -11.18
C PHE B 115 -13.48 -5.89 -9.88
N MET B 116 -14.40 -6.85 -9.78
CA MET B 116 -15.25 -6.95 -8.62
C MET B 116 -14.54 -7.65 -7.46
N PRO B 117 -14.90 -7.28 -6.22
CA PRO B 117 -14.31 -7.96 -5.06
C PRO B 117 -14.76 -9.40 -4.93
N ASN B 118 -13.81 -10.29 -4.69
CA ASN B 118 -14.06 -11.73 -4.70
C ASN B 118 -15.06 -12.16 -3.61
N LEU B 119 -16.11 -12.87 -4.02
CA LEU B 119 -17.22 -13.23 -3.12
C LEU B 119 -16.90 -14.34 -2.13
N VAL B 120 -15.90 -15.16 -2.41
CA VAL B 120 -15.44 -16.15 -1.43
C VAL B 120 -14.55 -15.47 -0.38
N ALA B 121 -13.60 -14.64 -0.82
CA ALA B 121 -12.83 -13.81 0.12
C ALA B 121 -13.75 -12.90 0.94
N TYR B 122 -14.71 -12.28 0.25
CA TYR B 122 -15.57 -11.24 0.84
C TYR B 122 -17.06 -11.57 0.57
N PRO B 123 -17.63 -12.47 1.38
CA PRO B 123 -19.02 -12.91 1.09
C PRO B 123 -20.07 -11.90 1.54
N LYS B 124 -21.25 -11.97 0.95
CA LYS B 124 -22.36 -11.14 1.39
C LYS B 124 -22.80 -11.56 2.79
N PRO B 125 -23.49 -10.67 3.53
CA PRO B 125 -23.97 -11.06 4.87
C PRO B 125 -24.82 -12.32 4.84
N SER B 126 -24.67 -13.17 5.86
CA SER B 126 -25.39 -14.44 5.96
C SER B 126 -25.41 -14.93 7.39
N ASN B 127 -25.98 -16.12 7.59
CA ASN B 127 -25.91 -16.86 8.86
C ASN B 127 -24.52 -17.36 9.22
N SER B 128 -23.59 -17.38 8.26
CA SER B 128 -22.23 -17.83 8.50
C SER B 128 -21.47 -16.76 9.27
N LYS B 129 -20.45 -17.16 10.00
CA LYS B 129 -19.65 -16.19 10.78
C LYS B 129 -19.13 -15.10 9.83
N LYS B 130 -19.21 -13.84 10.28
CA LYS B 130 -18.73 -12.69 9.54
C LYS B 130 -17.28 -12.45 9.95
N TYR B 131 -16.40 -12.39 8.97
CA TYR B 131 -14.97 -12.15 9.21
C TYR B 131 -14.52 -10.76 8.75
N ALA B 132 -13.52 -10.24 9.44
CA ALA B 132 -13.03 -8.89 9.23
C ALA B 132 -12.18 -8.71 7.96
N ARG B 133 -11.84 -9.80 7.27
CA ARG B 133 -10.89 -9.67 6.17
C ARG B 133 -11.46 -8.89 4.98
N ASP B 134 -12.78 -8.64 4.99
CA ASP B 134 -13.45 -7.79 3.98
C ASP B 134 -13.35 -6.28 4.23
N ILE B 135 -12.55 -5.87 5.22
CA ILE B 135 -12.31 -4.47 5.55
C ILE B 135 -10.81 -4.16 5.36
N VAL B 136 -10.54 -2.95 4.88
CA VAL B 136 -9.19 -2.37 4.90
C VAL B 136 -9.31 -0.99 5.54
N TYR B 137 -8.46 -0.74 6.53
CA TYR B 137 -8.35 0.60 7.15
C TYR B 137 -7.13 1.34 6.65
N GLY B 138 -7.27 2.65 6.44
CA GLY B 138 -6.15 3.51 6.11
C GLY B 138 -6.39 4.86 6.75
N THR B 139 -5.36 5.68 6.83
CA THR B 139 -5.48 7.08 7.34
C THR B 139 -5.07 8.01 6.20
N ILE B 140 -5.89 9.04 5.98
CA ILE B 140 -5.54 10.10 5.04
C ILE B 140 -5.52 11.40 5.82
N TYR B 141 -5.09 12.46 5.18
CA TYR B 141 -4.87 13.73 5.86
C TYR B 141 -5.58 14.86 5.16
N LEU B 142 -6.38 15.57 5.93
CA LEU B 142 -7.16 16.68 5.40
C LEU B 142 -6.30 17.89 5.08
N GLY B 143 -6.44 18.39 3.86
CA GLY B 143 -5.65 19.50 3.37
C GLY B 143 -4.16 19.23 3.26
N GLY B 144 -3.78 17.94 3.28
CA GLY B 144 -2.40 17.55 3.28
C GLY B 144 -1.63 17.90 4.56
N LYS B 145 -2.35 18.28 5.63
CA LYS B 145 -1.69 18.66 6.89
C LYS B 145 -1.50 17.43 7.77
N PRO B 146 -0.27 17.21 8.26
CA PRO B 146 0.01 15.97 9.00
C PRO B 146 -0.69 15.87 10.36
N ASP B 147 -1.19 16.98 10.90
CA ASP B 147 -1.98 16.95 12.12
C ASP B 147 -3.49 16.90 11.89
N GLN B 148 -3.93 16.58 10.67
CA GLN B 148 -5.38 16.49 10.36
C GLN B 148 -5.76 15.12 9.79
N PRO B 149 -5.50 14.05 10.57
CA PRO B 149 -5.89 12.72 10.11
C PRO B 149 -7.40 12.45 10.07
N ALA B 150 -7.77 11.59 9.14
CA ALA B 150 -9.11 11.03 9.12
C ALA B 150 -8.96 9.59 8.63
N VAL B 151 -9.85 8.73 9.09
CA VAL B 151 -9.78 7.30 8.77
C VAL B 151 -10.65 7.03 7.56
N ILE B 152 -10.11 6.28 6.62
CA ILE B 152 -10.89 5.76 5.53
C ILE B 152 -11.00 4.24 5.74
N LYS B 153 -12.24 3.77 5.92
CA LYS B 153 -12.53 2.35 6.11
C LYS B 153 -13.20 1.85 4.84
N THR B 154 -12.60 0.88 4.17
CA THR B 154 -13.14 0.35 2.92
C THR B 154 -13.66 -1.04 3.20
N THR B 155 -14.90 -1.30 2.79
CA THR B 155 -15.56 -2.60 3.03
C THR B 155 -16.06 -3.22 1.73
N PHE B 156 -15.72 -4.49 1.54
CA PHE B 156 -16.16 -5.27 0.36
C PHE B 156 -17.38 -6.16 0.57
N ASN B 157 -18.33 -6.02 -0.35
CA ASN B 157 -19.49 -6.92 -0.47
C ASN B 157 -20.32 -7.04 0.81
N GLN B 158 -20.55 -5.93 1.51
CA GLN B 158 -21.42 -5.99 2.70
C GLN B 158 -22.77 -5.27 2.52
N GLU B 159 -22.99 -4.69 1.35
CA GLU B 159 -24.26 -4.01 1.06
C GLU B 159 -25.29 -5.00 0.51
N THR B 160 -26.56 -4.80 0.84
CA THR B 160 -27.63 -5.59 0.24
C THR B 160 -28.13 -4.90 -1.03
N GLY B 161 -28.97 -5.60 -1.80
CA GLY B 161 -29.48 -5.04 -3.04
C GLY B 161 -28.44 -4.84 -4.13
N CYS B 162 -27.50 -5.79 -4.22
CA CYS B 162 -26.48 -5.78 -5.27
C CYS B 162 -25.76 -7.12 -5.31
N GLU B 163 -25.02 -7.38 -6.37
CA GLU B 163 -24.17 -8.56 -6.43
C GLU B 163 -22.82 -8.30 -5.73
N TYR B 164 -22.27 -7.10 -5.90
CA TYR B 164 -21.00 -6.71 -5.29
C TYR B 164 -21.11 -5.30 -4.76
N SER B 165 -20.22 -4.95 -3.84
CA SER B 165 -20.17 -3.57 -3.33
C SER B 165 -18.77 -3.19 -2.85
N ILE B 166 -18.45 -1.89 -2.95
CA ILE B 166 -17.25 -1.32 -2.34
C ILE B 166 -17.74 -0.08 -1.62
N THR B 167 -17.57 0.01 -0.31
CA THR B 167 -18.01 1.20 0.43
C THR B 167 -16.86 1.86 1.15
N PHE B 168 -16.86 3.19 1.15
CA PHE B 168 -15.85 3.98 1.81
C PHE B 168 -16.50 4.76 2.93
N ASN B 169 -16.12 4.45 4.16
CA ASN B 169 -16.54 5.23 5.32
C ASN B 169 -15.41 6.14 5.77
N PHE B 170 -15.69 7.43 5.84
CA PHE B 170 -14.72 8.43 6.30
C PHE B 170 -15.13 8.86 7.68
N SER B 171 -14.21 8.91 8.62
CA SER B 171 -14.51 9.35 9.97
C SER B 171 -13.30 9.98 10.62
N TRP B 172 -13.54 10.74 11.69
CA TRP B 172 -12.48 11.40 12.41
C TRP B 172 -12.83 11.57 13.88
N SER B 173 -11.79 11.71 14.70
CA SER B 173 -11.95 11.79 16.14
CA SER B 173 -11.90 11.79 16.16
C SER B 173 -11.60 13.17 16.70
N LYS B 174 -10.75 13.92 16.00
CA LYS B 174 -10.40 15.27 16.46
C LYS B 174 -11.59 16.21 16.32
N THR B 175 -11.57 17.28 17.10
CA THR B 175 -12.60 18.33 17.03
C THR B 175 -12.10 19.40 16.06
N TYR B 176 -12.33 19.19 14.75
CA TYR B 176 -11.83 20.12 13.74
C TYR B 176 -12.71 21.38 13.68
N GLU B 177 -12.06 22.54 13.54
CA GLU B 177 -12.75 23.83 13.47
C GLU B 177 -12.44 24.47 12.09
N ASN B 178 -13.44 24.43 11.20
CA ASN B 178 -13.32 25.00 9.84
C ASN B 178 -12.21 24.37 9.01
N VAL B 179 -12.27 23.05 8.95
CA VAL B 179 -11.33 22.26 8.19
C VAL B 179 -12.05 21.71 6.96
N GLU B 180 -11.53 22.05 5.78
CA GLU B 180 -12.11 21.61 4.53
C GLU B 180 -11.85 20.12 4.34
N PHE B 181 -12.89 19.38 3.98
CA PHE B 181 -12.73 17.95 3.74
C PHE B 181 -12.24 17.61 2.32
N GLU B 182 -10.93 17.65 2.16
CA GLU B 182 -10.29 17.22 0.91
C GLU B 182 -9.00 16.54 1.31
N THR B 183 -8.75 15.38 0.72
CA THR B 183 -7.78 14.42 1.26
C THR B 183 -6.52 14.18 0.44
N THR B 184 -5.51 13.71 1.15
CA THR B 184 -4.40 13.02 0.51
C THR B 184 -4.89 11.69 -0.08
N SER B 185 -3.98 11.00 -0.76
CA SER B 185 -4.34 9.78 -1.46
C SER B 185 -3.90 8.54 -0.70
N PHE B 186 -4.65 7.47 -0.89
CA PHE B 186 -4.40 6.17 -0.25
C PHE B 186 -4.48 5.07 -1.29
N THR B 187 -3.56 4.12 -1.19
CA THR B 187 -3.49 2.93 -2.02
C THR B 187 -3.77 1.67 -1.21
N PHE B 188 -4.54 0.76 -1.79
CA PHE B 188 -4.83 -0.53 -1.20
C PHE B 188 -5.01 -1.54 -2.30
N SER B 189 -5.22 -2.81 -1.97
CA SER B 189 -5.63 -3.79 -3.00
C SER B 189 -6.69 -4.73 -2.44
N TYR B 190 -7.28 -5.51 -3.35
CA TYR B 190 -8.21 -6.53 -2.94
C TYR B 190 -8.21 -7.64 -3.97
N ILE B 191 -8.68 -8.79 -3.52
CA ILE B 191 -8.75 -10.00 -4.33
C ILE B 191 -9.91 -9.90 -5.34
N ALA B 192 -9.60 -10.12 -6.61
CA ALA B 192 -10.61 -10.03 -7.65
C ALA B 192 -11.45 -11.28 -7.79
N GLN B 193 -12.69 -11.07 -8.20
CA GLN B 193 -13.65 -12.15 -8.39
C GLN B 193 -13.19 -13.16 -9.47
N GLU B 194 -12.54 -12.67 -10.53
CA GLU B 194 -11.95 -13.53 -11.56
C GLU B 194 -10.84 -12.80 -12.29
N THR C 12 11.75 -3.17 -19.43
CA THR C 12 11.19 -1.77 -19.47
C THR C 12 9.91 -1.56 -18.65
N ARG C 13 9.54 -2.52 -17.80
CA ARG C 13 8.39 -2.33 -16.93
C ARG C 13 8.83 -1.80 -15.55
N THR C 14 10.14 -1.71 -15.26
CA THR C 14 10.61 -1.21 -13.95
C THR C 14 11.78 -0.23 -14.06
N LEU C 15 11.63 0.95 -13.46
CA LEU C 15 12.72 1.90 -13.29
C LEU C 15 13.17 1.79 -11.86
N TRP C 16 14.47 1.75 -11.62
CA TRP C 16 14.94 1.59 -10.25
C TRP C 16 16.36 2.06 -10.02
N THR C 17 16.68 2.19 -8.74
N THR C 17 16.80 1.96 -8.76
CA THR C 17 18.00 2.12 -8.22
CA THR C 17 18.14 2.32 -8.32
C THR C 17 18.25 0.64 -7.88
C THR C 17 19.21 1.19 -8.13
N THR C 18 19.03 -0.04 -8.65
CA THR C 18 19.74 -1.24 -8.14
CA THR C 18 19.63 -1.27 -8.11
C THR C 18 19.56 -1.37 -6.58
N PRO C 19 19.17 -2.53 -6.10
CA PRO C 19 18.95 -2.65 -4.68
C PRO C 19 20.19 -2.97 -3.81
N ASP C 20 21.38 -2.58 -4.24
CA ASP C 20 22.55 -2.72 -3.38
C ASP C 20 22.59 -1.61 -2.31
N THR C 21 23.71 -1.51 -1.59
CA THR C 21 23.87 -0.48 -0.56
C THR C 21 24.88 0.64 -0.97
N SER C 22 25.28 0.69 -2.24
CA SER C 22 26.23 1.70 -2.71
C SER C 22 25.60 3.09 -2.75
N PRO C 23 26.19 4.07 -2.03
CA PRO C 23 25.56 5.39 -2.00
C PRO C 23 25.30 5.99 -3.39
N ASN C 24 24.13 6.63 -3.55
CA ASN C 24 23.67 7.15 -4.83
C ASN C 24 22.96 8.50 -4.74
N CYS C 25 23.00 9.12 -3.58
CA CYS C 25 22.14 10.22 -3.28
C CYS C 25 22.86 11.21 -2.40
N THR C 26 22.54 12.49 -2.58
CA THR C 26 23.21 13.60 -1.90
C THR C 26 22.14 14.44 -1.22
N ILE C 27 22.04 14.31 0.11
CA ILE C 27 21.11 15.13 0.92
C ILE C 27 21.80 16.40 1.44
N ALA C 28 22.84 16.21 2.25
CA ALA C 28 23.63 17.32 2.82
C ALA C 28 25.03 17.42 2.26
N GLN C 29 25.61 16.28 1.89
CA GLN C 29 26.94 16.22 1.30
C GLN C 29 26.96 15.08 0.25
N ASP C 30 27.92 15.16 -0.65
CA ASP C 30 27.99 14.23 -1.75
C ASP C 30 27.96 12.76 -1.30
N LYS C 31 27.01 12.02 -1.89
CA LYS C 31 26.89 10.59 -1.72
C LYS C 31 26.77 10.21 -0.24
N ASP C 32 26.00 10.98 0.48
CA ASP C 32 25.74 10.68 1.90
C ASP C 32 24.63 9.66 2.13
N SER C 33 24.02 9.11 1.07
CA SER C 33 22.84 8.27 1.28
C SER C 33 22.61 7.32 0.10
N LYS C 34 21.89 6.25 0.38
CA LYS C 34 21.42 5.28 -0.63
C LYS C 34 19.93 5.32 -0.58
N LEU C 35 19.32 5.92 -1.61
CA LEU C 35 17.89 5.83 -1.78
C LEU C 35 17.61 4.54 -2.56
N THR C 36 16.76 3.65 -2.04
CA THR C 36 16.35 2.47 -2.84
C THR C 36 14.91 2.75 -3.28
N LEU C 37 14.73 2.95 -4.58
CA LEU C 37 13.43 3.27 -5.15
C LEU C 37 13.20 2.35 -6.34
N VAL C 38 12.07 1.69 -6.33
CA VAL C 38 11.62 0.80 -7.42
C VAL C 38 10.24 1.27 -7.89
N LEU C 39 10.16 1.65 -9.16
CA LEU C 39 8.89 2.04 -9.80
C LEU C 39 8.52 0.99 -10.85
N THR C 40 7.40 0.32 -10.66
CA THR C 40 6.92 -0.73 -11.54
C THR C 40 5.63 -0.30 -12.18
N LYS C 41 5.59 -0.32 -13.50
CA LYS C 41 4.40 0.14 -14.21
C LYS C 41 3.37 -0.97 -14.29
N CYS C 42 2.28 -0.75 -13.60
CA CYS C 42 1.09 -1.60 -13.69
C CYS C 42 0.01 -0.80 -14.43
N GLY C 43 0.24 -0.58 -15.71
CA GLY C 43 -0.67 0.18 -16.55
C GLY C 43 -0.88 1.63 -16.08
N SER C 44 -2.12 1.94 -15.72
CA SER C 44 -2.49 3.32 -15.32
CA SER C 44 -2.49 3.31 -15.33
C SER C 44 -1.94 3.75 -13.96
N GLN C 45 -1.40 2.81 -13.19
CA GLN C 45 -0.76 3.11 -11.93
C GLN C 45 0.67 2.64 -11.90
N ILE C 46 1.53 3.43 -11.28
CA ILE C 46 2.87 3.02 -10.90
C ILE C 46 2.87 2.53 -9.45
N LEU C 47 3.39 1.33 -9.25
CA LEU C 47 3.55 0.73 -7.92
C LEU C 47 4.97 1.05 -7.49
N ALA C 48 5.10 1.72 -6.33
CA ALA C 48 6.35 2.29 -5.86
C ALA C 48 6.73 1.67 -4.53
N ASN C 49 8.01 1.39 -4.38
CA ASN C 49 8.56 0.85 -3.14
C ASN C 49 9.83 1.63 -2.82
N VAL C 50 9.93 2.13 -1.59
CA VAL C 50 11.02 3.04 -1.21
C VAL C 50 11.57 2.74 0.17
N SER C 51 12.87 2.93 0.32
CA SER C 51 13.56 2.94 1.64
C SER C 51 14.78 3.84 1.52
N LEU C 52 15.38 4.17 2.64
CA LEU C 52 16.53 5.07 2.67
C LEU C 52 17.56 4.63 3.68
N ILE C 53 18.83 4.67 3.29
CA ILE C 53 19.97 4.48 4.18
C ILE C 53 20.84 5.73 4.12
N VAL C 54 21.04 6.41 5.25
CA VAL C 54 21.96 7.55 5.29
C VAL C 54 23.26 7.00 5.86
N VAL C 55 24.35 7.17 5.09
CA VAL C 55 25.64 6.55 5.40
C VAL C 55 26.69 7.46 6.06
N ALA C 56 26.48 8.78 5.94
CA ALA C 56 27.43 9.76 6.41
C ALA C 56 26.77 11.14 6.48
N GLY C 57 27.47 12.07 7.10
CA GLY C 57 27.05 13.45 7.12
C GLY C 57 26.02 13.77 8.20
N LYS C 58 25.44 14.96 8.05
CA LYS C 58 24.51 15.58 8.99
C LYS C 58 23.35 14.69 9.43
N TYR C 59 22.82 13.88 8.51
CA TYR C 59 21.63 13.07 8.76
C TYR C 59 21.92 11.58 9.04
N HIS C 60 23.17 11.21 9.17
CA HIS C 60 23.54 9.81 9.40
C HIS C 60 23.15 9.31 10.80
N ILE C 61 23.57 10.02 11.85
CA ILE C 61 23.15 9.76 13.23
C ILE C 61 22.40 11.00 13.75
N ILE C 62 21.13 10.80 14.05
CA ILE C 62 20.28 11.83 14.62
C ILE C 62 20.51 11.96 16.11
N ASN C 63 20.80 13.18 16.54
CA ASN C 63 20.83 13.48 17.97
C ASN C 63 20.15 14.81 18.20
N ASN C 64 18.90 14.73 18.65
CA ASN C 64 18.07 15.91 18.89
C ASN C 64 18.27 16.55 20.26
N LYS C 65 19.07 15.95 21.13
CA LYS C 65 19.54 16.66 22.29
C LYS C 65 20.61 17.66 21.84
N THR C 66 21.53 17.19 21.00
CA THR C 66 22.60 18.04 20.49
C THR C 66 22.04 19.07 19.51
N ASN C 67 21.14 18.63 18.64
CA ASN C 67 20.62 19.42 17.51
C ASN C 67 19.09 19.38 17.53
N PRO C 68 18.47 20.18 18.40
CA PRO C 68 17.00 20.05 18.58
C PRO C 68 16.14 20.37 17.36
N LYS C 69 16.67 21.15 16.41
CA LYS C 69 15.89 21.55 15.22
C LYS C 69 16.17 20.71 13.98
N ILE C 70 17.08 19.73 14.05
CA ILE C 70 17.31 18.83 12.90
C ILE C 70 16.22 17.79 12.95
N LYS C 71 15.10 18.05 12.25
CA LYS C 71 13.92 17.17 12.35
C LYS C 71 13.34 16.76 11.00
N SER C 72 13.99 17.15 9.90
CA SER C 72 13.48 16.82 8.58
C SER C 72 14.50 17.10 7.47
N PHE C 73 14.29 16.43 6.35
CA PHE C 73 15.02 16.68 5.12
C PHE C 73 14.27 16.17 3.94
N THR C 74 14.72 16.55 2.74
CA THR C 74 13.98 16.29 1.53
C THR C 74 14.89 15.75 0.41
N ILE C 75 14.40 14.74 -0.28
CA ILE C 75 15.04 14.16 -1.44
C ILE C 75 14.13 14.39 -2.62
N LYS C 76 14.64 15.02 -3.68
CA LYS C 76 13.84 15.41 -4.84
C LYS C 76 14.34 14.71 -6.07
N LEU C 77 13.39 14.12 -6.82
CA LEU C 77 13.63 13.61 -8.16
CA LEU C 77 13.60 13.60 -8.16
C LEU C 77 12.87 14.53 -9.14
N LEU C 78 13.61 15.15 -10.04
CA LEU C 78 13.08 16.14 -10.99
C LEU C 78 13.25 15.51 -12.37
N PHE C 79 12.20 15.59 -13.19
CA PHE C 79 12.20 15.00 -14.53
C PHE C 79 11.79 16.00 -15.61
N ASN C 80 12.37 15.83 -16.80
CA ASN C 80 11.98 16.63 -17.93
C ASN C 80 10.80 16.02 -18.66
N LYS C 81 10.47 16.59 -19.83
CA LYS C 81 9.29 16.18 -20.59
C LYS C 81 9.34 14.73 -21.07
N ASN C 82 10.54 14.16 -21.17
CA ASN C 82 10.67 12.76 -21.57
C ASN C 82 10.81 11.78 -20.39
N GLY C 83 10.63 12.29 -19.16
CA GLY C 83 10.77 11.48 -17.94
C GLY C 83 12.19 11.15 -17.55
N VAL C 84 13.13 11.90 -18.10
CA VAL C 84 14.55 11.77 -17.80
C VAL C 84 14.93 12.62 -16.57
N LEU C 85 15.74 12.03 -15.70
CA LEU C 85 16.10 12.65 -14.42
C LEU C 85 17.05 13.80 -14.64
N LEU C 86 16.75 14.94 -14.00
CA LEU C 86 17.55 16.16 -14.12
C LEU C 86 18.60 16.22 -13.03
N ASP C 87 19.73 16.83 -13.35
CA ASP C 87 20.90 16.78 -12.49
C ASP C 87 20.77 17.54 -11.16
N ASN C 88 19.80 18.46 -11.03
CA ASN C 88 19.53 19.08 -9.74
C ASN C 88 18.85 18.13 -8.75
N SER C 89 18.41 16.95 -9.21
CA SER C 89 17.86 15.94 -8.31
C SER C 89 18.88 15.49 -7.27
N ASN C 90 18.40 15.10 -6.09
CA ASN C 90 19.32 14.59 -5.06
C ASN C 90 19.89 13.23 -5.43
N LEU C 91 19.09 12.42 -6.12
CA LEU C 91 19.53 11.15 -6.63
C LEU C 91 20.42 11.36 -7.86
N GLY C 92 21.56 10.68 -7.87
CA GLY C 92 22.51 10.80 -8.98
C GLY C 92 22.02 10.11 -10.26
N LYS C 93 22.30 10.72 -11.41
CA LYS C 93 21.77 10.21 -12.69
C LYS C 93 22.31 8.82 -13.07
N ALA C 94 23.56 8.56 -12.68
CA ALA C 94 24.22 7.30 -13.01
C ALA C 94 23.54 6.08 -12.44
N TYR C 95 22.75 6.30 -11.38
CA TYR C 95 22.13 5.28 -10.56
C TYR C 95 20.66 4.98 -10.86
N TRP C 96 20.11 5.58 -11.92
CA TRP C 96 18.67 5.51 -12.20
C TRP C 96 18.43 5.07 -13.62
N ASN C 97 17.82 3.90 -13.78
CA ASN C 97 17.62 3.34 -15.11
C ASN C 97 16.61 2.20 -15.05
N PHE C 98 16.21 1.72 -16.23
CA PHE C 98 15.42 0.50 -16.32
C PHE C 98 16.20 -0.73 -15.80
N ARG C 99 15.50 -1.66 -15.16
CA ARG C 99 16.14 -2.87 -14.61
C ARG C 99 16.70 -3.80 -15.71
N SER C 100 17.89 -4.37 -15.47
CA SER C 100 18.44 -5.49 -16.25
C SER C 100 19.05 -6.47 -15.24
N GLY C 101 18.38 -7.59 -14.97
CA GLY C 101 18.81 -8.53 -13.93
C GLY C 101 18.77 -7.83 -12.58
N ASN C 102 19.83 -7.94 -11.79
CA ASN C 102 19.95 -7.18 -10.53
C ASN C 102 20.72 -5.88 -10.73
N SER C 103 20.88 -5.48 -12.00
CA SER C 103 21.63 -4.28 -12.35
C SER C 103 20.77 -3.36 -13.23
N ASN C 104 21.45 -2.44 -13.92
CA ASN C 104 20.82 -1.48 -14.81
C ASN C 104 21.33 -1.69 -16.21
N VAL C 105 20.56 -1.24 -17.19
CA VAL C 105 21.05 -1.27 -18.58
C VAL C 105 22.28 -0.36 -18.66
N SER C 106 23.21 -0.68 -19.56
CA SER C 106 24.45 0.09 -19.72
C SER C 106 24.20 1.47 -20.31
N THR C 107 23.09 1.57 -21.07
CA THR C 107 22.72 2.77 -21.79
C THR C 107 21.65 3.57 -21.07
N ALA C 108 21.92 4.86 -20.84
CA ALA C 108 20.93 5.78 -20.24
C ALA C 108 19.66 5.80 -21.07
N TYR C 109 18.51 5.73 -20.39
CA TYR C 109 17.23 5.69 -21.09
C TYR C 109 16.88 7.05 -21.66
N GLU C 110 16.11 7.02 -22.75
CA GLU C 110 15.71 8.26 -23.44
C GLU C 110 14.29 8.72 -23.10
N LYS C 111 13.39 7.77 -22.82
CA LYS C 111 12.00 8.09 -22.54
C LYS C 111 11.42 7.19 -21.46
N ALA C 112 10.69 7.81 -20.53
CA ALA C 112 9.96 7.08 -19.51
C ALA C 112 8.72 7.87 -19.07
N ILE C 113 8.00 8.41 -20.04
CA ILE C 113 6.82 9.23 -19.75
C ILE C 113 5.73 8.42 -19.05
N GLY C 114 5.63 7.13 -19.38
CA GLY C 114 4.68 6.25 -18.73
C GLY C 114 4.89 6.02 -17.25
N PHE C 115 6.04 6.42 -16.71
CA PHE C 115 6.36 6.35 -15.29
C PHE C 115 6.20 7.70 -14.55
N MET C 116 5.79 8.74 -15.28
CA MET C 116 5.66 10.06 -14.67
C MET C 116 4.33 10.24 -13.98
N PRO C 117 4.30 11.03 -12.90
CA PRO C 117 3.00 11.25 -12.25
C PRO C 117 2.08 12.11 -13.13
N ASN C 118 0.83 11.69 -13.23
CA ASN C 118 -0.18 12.31 -14.11
C ASN C 118 -0.40 13.77 -13.76
N LEU C 119 -0.35 14.64 -14.76
CA LEU C 119 -0.41 16.09 -14.54
C LEU C 119 -1.82 16.60 -14.34
N VAL C 120 -2.83 15.88 -14.82
CA VAL C 120 -4.23 16.21 -14.49
C VAL C 120 -4.54 15.79 -13.06
N ALA C 121 -4.08 14.61 -12.63
CA ALA C 121 -4.23 14.20 -11.22
C ALA C 121 -3.46 15.12 -10.29
N TYR C 122 -2.24 15.49 -10.71
CA TYR C 122 -1.27 16.18 -9.86
C TYR C 122 -0.69 17.37 -10.63
N PRO C 123 -1.43 18.48 -10.69
CA PRO C 123 -0.94 19.59 -11.51
C PRO C 123 0.20 20.36 -10.86
N LYS C 124 0.98 21.07 -11.68
CA LYS C 124 2.02 21.95 -11.18
C LYS C 124 1.40 23.12 -10.42
N PRO C 125 2.18 23.77 -9.54
CA PRO C 125 1.69 24.96 -8.81
C PRO C 125 1.18 26.02 -9.77
N SER C 126 0.06 26.64 -9.43
CA SER C 126 -0.47 27.73 -10.23
C SER C 126 -1.26 28.64 -9.28
N ASN C 127 -2.07 29.52 -9.85
CA ASN C 127 -2.93 30.38 -9.06
C ASN C 127 -4.23 29.72 -8.65
N SER C 128 -4.54 28.55 -9.22
CA SER C 128 -5.79 27.88 -8.89
C SER C 128 -5.66 27.03 -7.65
N LYS C 129 -6.80 26.61 -7.11
CA LYS C 129 -6.83 25.86 -5.86
C LYS C 129 -5.95 24.60 -5.91
N LYS C 130 -5.13 24.45 -4.88
CA LYS C 130 -4.21 23.32 -4.76
C LYS C 130 -4.87 22.26 -3.89
N TYR C 131 -4.97 21.03 -4.42
CA TYR C 131 -5.61 19.95 -3.68
C TYR C 131 -4.56 18.99 -3.11
N ALA C 132 -4.94 18.33 -2.03
CA ALA C 132 -4.04 17.45 -1.26
C ALA C 132 -3.86 16.09 -1.92
N ARG C 133 -4.57 15.80 -3.01
CA ARG C 133 -4.49 14.42 -3.55
C ARG C 133 -3.11 14.10 -4.19
N ASP C 134 -2.30 15.13 -4.42
CA ASP C 134 -0.90 14.97 -4.88
C ASP C 134 0.11 14.61 -3.79
N ILE C 135 -0.39 14.34 -2.59
CA ILE C 135 0.43 13.87 -1.45
C ILE C 135 0.03 12.47 -1.00
N VAL C 136 1.03 11.65 -0.66
CA VAL C 136 0.82 10.38 0.06
C VAL C 136 1.64 10.41 1.31
N TYR C 137 1.02 10.15 2.44
CA TYR C 137 1.73 10.00 3.69
C TYR C 137 1.91 8.51 4.07
N GLY C 138 3.08 8.20 4.60
CA GLY C 138 3.39 6.92 5.22
C GLY C 138 4.32 7.05 6.41
N THR C 139 4.37 6.01 7.24
CA THR C 139 5.29 5.96 8.38
C THR C 139 6.26 4.80 8.14
N ILE C 140 7.56 5.07 8.32
CA ILE C 140 8.59 4.03 8.33
C ILE C 140 9.28 4.07 9.69
N TYR C 141 10.15 3.09 9.93
CA TYR C 141 10.75 2.91 11.25
C TYR C 141 12.25 2.83 11.16
N LEU C 142 12.91 3.69 11.94
CA LEU C 142 14.35 3.77 11.91
C LEU C 142 14.96 2.55 12.61
N GLY C 143 15.89 1.93 11.93
CA GLY C 143 16.53 0.71 12.42
C GLY C 143 15.57 -0.47 12.60
N GLY C 144 14.40 -0.38 11.97
CA GLY C 144 13.37 -1.39 12.13
C GLY C 144 12.77 -1.48 13.52
N LYS C 145 13.01 -0.47 14.36
CA LYS C 145 12.50 -0.49 15.77
C LYS C 145 11.08 0.08 15.80
N PRO C 146 10.14 -0.66 16.39
CA PRO C 146 8.76 -0.18 16.38
C PRO C 146 8.51 1.14 17.13
N ASP C 147 9.41 1.54 18.04
CA ASP C 147 9.28 2.82 18.73
C ASP C 147 10.10 3.95 18.09
N GLN C 148 10.50 3.77 16.83
CA GLN C 148 11.27 4.81 16.14
C GLN C 148 10.62 5.21 14.82
N PRO C 149 9.36 5.68 14.85
CA PRO C 149 8.69 6.14 13.63
C PRO C 149 9.27 7.42 13.04
N ALA C 150 9.22 7.51 11.71
CA ALA C 150 9.44 8.78 11.01
C ALA C 150 8.45 8.83 9.86
N VAL C 151 8.05 10.02 9.48
CA VAL C 151 7.06 10.19 8.43
C VAL C 151 7.77 10.36 7.08
N ILE C 152 7.31 9.64 6.09
CA ILE C 152 7.73 9.86 4.69
C ILE C 152 6.51 10.50 3.99
N LYS C 153 6.67 11.76 3.61
CA LYS C 153 5.66 12.51 2.85
C LYS C 153 6.13 12.54 1.40
N THR C 154 5.33 11.97 0.51
CA THR C 154 5.66 11.95 -0.91
C THR C 154 4.72 12.90 -1.65
N THR C 155 5.28 13.78 -2.48
CA THR C 155 4.50 14.80 -3.21
C THR C 155 4.84 14.76 -4.67
N PHE C 156 3.79 14.78 -5.48
CA PHE C 156 3.92 14.71 -6.94
C PHE C 156 3.74 16.08 -7.63
N ASN C 157 4.68 16.38 -8.53
CA ASN C 157 4.62 17.51 -9.45
C ASN C 157 4.47 18.86 -8.78
N GLN C 158 5.17 19.09 -7.67
CA GLN C 158 5.11 20.40 -7.01
C GLN C 158 6.38 21.18 -7.05
N GLU C 159 7.39 20.67 -7.75
CA GLU C 159 8.67 21.41 -7.92
C GLU C 159 8.72 22.20 -9.21
N THR C 160 9.41 23.34 -9.14
CA THR C 160 9.69 24.14 -10.36
C THR C 160 10.94 23.62 -11.02
N GLY C 161 11.22 24.10 -12.23
CA GLY C 161 12.47 23.77 -12.92
C GLY C 161 12.44 22.39 -13.55
N CYS C 162 11.24 21.89 -13.80
CA CYS C 162 11.04 20.55 -14.33
C CYS C 162 9.63 20.40 -14.86
N GLU C 163 9.38 19.33 -15.60
CA GLU C 163 8.04 18.97 -16.07
C GLU C 163 7.28 18.11 -15.09
N TYR C 164 8.00 17.19 -14.39
CA TYR C 164 7.42 16.29 -13.41
C TYR C 164 8.37 16.19 -12.23
N SER C 165 7.84 15.83 -11.06
CA SER C 165 8.68 15.61 -9.88
C SER C 165 8.05 14.64 -8.91
N ILE C 166 8.92 13.94 -8.20
CA ILE C 166 8.55 13.13 -7.03
C ILE C 166 9.47 13.58 -5.94
N THR C 167 8.91 14.04 -4.82
CA THR C 167 9.75 14.43 -3.69
CA THR C 167 9.65 14.58 -3.68
C THR C 167 9.36 13.71 -2.43
N PHE C 168 10.39 13.30 -1.70
CA PHE C 168 10.27 12.56 -0.44
C PHE C 168 10.76 13.43 0.68
N ASN C 169 9.86 13.78 1.58
CA ASN C 169 10.22 14.55 2.76
C ASN C 169 10.15 13.60 3.94
N PHE C 170 11.28 13.48 4.65
CA PHE C 170 11.41 12.65 5.79
C PHE C 170 11.42 13.53 6.99
N SER C 171 10.58 13.24 7.99
CA SER C 171 10.54 14.06 9.18
C SER C 171 10.16 13.24 10.38
N TRP C 172 10.45 13.77 11.54
CA TRP C 172 10.14 13.10 12.81
C TRP C 172 9.83 14.08 13.90
N SER C 173 9.03 13.60 14.84
CA SER C 173 8.55 14.44 15.96
C SER C 173 9.11 14.02 17.30
N LYS C 174 9.56 12.77 17.41
CA LYS C 174 10.19 12.30 18.64
C LYS C 174 11.60 12.87 18.78
N THR C 175 12.11 12.86 20.00
CA THR C 175 13.45 13.34 20.28
C THR C 175 14.41 12.14 20.25
N TYR C 176 15.04 11.90 19.11
CA TYR C 176 15.94 10.77 18.99
C TYR C 176 17.34 11.13 19.42
N GLU C 177 17.98 10.22 20.18
CA GLU C 177 19.34 10.41 20.66
C GLU C 177 20.23 9.25 20.15
N ASN C 178 21.11 9.58 19.20
CA ASN C 178 22.04 8.65 18.55
C ASN C 178 21.34 7.50 17.81
N VAL C 179 20.44 7.89 16.91
CA VAL C 179 19.69 6.94 16.11
C VAL C 179 20.13 7.07 14.66
N GLU C 180 20.64 5.96 14.12
CA GLU C 180 21.06 5.91 12.73
C GLU C 180 19.86 6.00 11.77
N PHE C 181 19.96 6.89 10.78
CA PHE C 181 18.88 7.06 9.86
C PHE C 181 18.91 6.06 8.70
N GLU C 182 18.30 4.92 8.93
CA GLU C 182 18.16 3.89 7.89
C GLU C 182 16.84 3.23 8.19
N THR C 183 16.04 3.06 7.14
CA THR C 183 14.60 2.82 7.31
C THR C 183 14.07 1.47 6.84
N THR C 184 12.90 1.12 7.37
CA THR C 184 12.05 0.06 6.80
C THR C 184 11.51 0.58 5.42
N SER C 185 10.83 -0.32 4.71
CA SER C 185 10.33 -0.01 3.39
C SER C 185 8.86 0.37 3.40
N PHE C 186 8.48 1.18 2.41
CA PHE C 186 7.10 1.64 2.23
C PHE C 186 6.70 1.52 0.79
N THR C 187 5.47 1.04 0.60
CA THR C 187 4.86 0.93 -0.71
C THR C 187 3.69 1.91 -0.84
N PHE C 188 3.58 2.49 -2.03
CA PHE C 188 2.48 3.35 -2.41
C PHE C 188 2.27 3.23 -3.93
N SER C 189 1.30 3.97 -4.46
CA SER C 189 1.13 4.03 -5.89
C SER C 189 0.69 5.40 -6.29
N TYR C 190 0.74 5.68 -7.59
CA TYR C 190 0.26 6.95 -8.11
C TYR C 190 -0.22 6.75 -9.55
N ILE C 191 -1.03 7.69 -10.01
CA ILE C 191 -1.63 7.63 -11.31
C ILE C 191 -0.57 8.06 -12.35
N ALA C 192 -0.41 7.24 -13.38
CA ALA C 192 0.57 7.49 -14.42
C ALA C 192 0.10 8.48 -15.47
N GLN C 193 1.05 9.22 -16.00
CA GLN C 193 0.80 10.21 -17.06
C GLN C 193 0.23 9.61 -18.34
N GLU C 194 0.80 8.49 -18.78
CA GLU C 194 0.23 7.73 -19.90
C GLU C 194 0.44 6.25 -19.72
#